data_4I1K
#
_entry.id   4I1K
#
_cell.length_a   106.152
_cell.length_b   47.310
_cell.length_c   61.413
_cell.angle_alpha   90.00
_cell.angle_beta   114.97
_cell.angle_gamma   90.00
#
_symmetry.space_group_name_H-M   'C 1 2 1'
#
loop_
_entity.id
_entity.type
_entity.pdbx_description
1 polymer 'B3 domain-containing transcription factor VRN1'
2 non-polymer 'CHLORIDE ION'
3 water water
#
_entity_poly.entity_id   1
_entity_poly.type   'polypeptide(L)'
_entity_poly.pdbx_seq_one_letter_code
;MRGSHHHHHHGSRSKFYESASARKRTVTAEERERAINAAKTFEPTNPFFRVVLRPSYLYRGCIMYLPSGFAEKYLSGISG
FIKVQLAEKQWPVRCLYKAGRAKFSQGWYEFTLENNLGEGDVCVFELLRTRDFVLKVTAFRVNEYV
;
_entity_poly.pdbx_strand_id   A,B
#
# COMPACT_ATOMS: atom_id res chain seq x y z
N THR A 26 6.44 -11.81 17.17
CA THR A 26 5.26 -11.76 16.32
C THR A 26 4.83 -10.33 16.00
N VAL A 27 4.48 -10.09 14.74
CA VAL A 27 3.98 -8.79 14.34
C VAL A 27 2.46 -8.87 14.27
N THR A 28 1.77 -7.97 14.93
CA THR A 28 0.31 -7.97 14.85
C THR A 28 -0.20 -7.09 13.73
N ALA A 29 -1.43 -7.38 13.32
CA ALA A 29 -2.10 -6.59 12.29
C ALA A 29 -2.24 -5.13 12.70
N GLU A 30 -2.47 -4.89 14.00
CA GLU A 30 -2.59 -3.53 14.50
C GLU A 30 -1.25 -2.78 14.34
N GLU A 31 -0.14 -3.46 14.62
CA GLU A 31 1.17 -2.84 14.51
CA GLU A 31 1.17 -2.82 14.51
C GLU A 31 1.45 -2.50 13.05
N ARG A 32 1.02 -3.37 12.15
CA ARG A 32 1.22 -3.11 10.72
C ARG A 32 0.49 -1.85 10.31
N GLU A 33 -0.78 -1.73 10.73
CA GLU A 33 -1.57 -0.56 10.41
C GLU A 33 -0.94 0.70 10.98
N ARG A 34 -0.47 0.62 12.22
CA ARG A 34 0.16 1.79 12.86
CA ARG A 34 0.17 1.76 12.88
C ARG A 34 1.41 2.25 12.11
N ALA A 35 2.28 1.31 11.73
CA ALA A 35 3.52 1.68 11.04
C ALA A 35 3.22 2.28 9.68
N ILE A 36 2.25 1.73 8.97
CA ILE A 36 1.88 2.27 7.66
C ILE A 36 1.32 3.67 7.81
N ASN A 37 0.51 3.89 8.84
CA ASN A 37 -0.05 5.22 9.02
C ASN A 37 1.02 6.25 9.35
N ALA A 38 2.00 5.85 10.15
CA ALA A 38 3.09 6.77 10.50
C ALA A 38 3.90 7.11 9.24
N ALA A 39 4.17 6.09 8.43
CA ALA A 39 4.93 6.30 7.19
C ALA A 39 4.18 7.23 6.24
N LYS A 40 2.88 7.03 6.13
CA LYS A 40 2.06 7.85 5.25
C LYS A 40 1.94 9.31 5.71
N THR A 41 2.08 9.54 7.01
CA THR A 41 2.05 10.88 7.55
C THR A 41 3.30 11.67 7.18
N PHE A 42 4.43 10.99 7.03
CA PHE A 42 5.68 11.64 6.67
C PHE A 42 5.68 11.99 5.19
N GLU A 43 5.87 13.27 4.90
CA GLU A 43 5.94 13.75 3.54
C GLU A 43 7.22 14.58 3.32
N PRO A 44 8.30 13.90 2.91
CA PRO A 44 9.56 14.59 2.64
C PRO A 44 9.38 15.71 1.63
N THR A 45 10.22 16.70 1.74
CA THR A 45 10.27 17.75 0.73
C THR A 45 10.96 17.29 -0.56
N ASN A 46 11.91 16.38 -0.43
CA ASN A 46 12.58 15.79 -1.58
C ASN A 46 11.66 14.77 -2.22
N PRO A 47 11.90 14.44 -3.52
CA PRO A 47 11.16 13.34 -4.16
C PRO A 47 11.29 12.08 -3.33
N PHE A 48 10.19 11.34 -3.18
CA PHE A 48 10.21 10.18 -2.31
C PHE A 48 9.22 9.11 -2.76
N PHE A 49 9.44 7.91 -2.25
CA PHE A 49 8.46 6.85 -2.35
C PHE A 49 8.49 6.02 -1.08
N ARG A 50 7.44 5.26 -0.85
CA ARG A 50 7.31 4.45 0.35
C ARG A 50 7.15 2.99 -0.03
N VAL A 51 7.73 2.10 0.76
CA VAL A 51 7.56 0.69 0.48
CA VAL A 51 7.74 0.66 0.47
C VAL A 51 7.50 -0.10 1.78
N VAL A 52 6.48 -0.94 1.84
CA VAL A 52 6.36 -1.88 2.95
C VAL A 52 7.27 -3.07 2.62
N LEU A 53 8.21 -3.41 3.52
CA LEU A 53 9.09 -4.54 3.26
C LEU A 53 8.31 -5.84 3.34
N ARG A 54 8.51 -6.69 2.34
CA ARG A 54 7.85 -7.98 2.24
C ARG A 54 8.86 -9.07 1.96
N PRO A 55 8.49 -10.33 2.20
CA PRO A 55 9.52 -11.37 2.21
C PRO A 55 10.27 -11.56 0.91
N SER A 56 9.63 -11.32 -0.22
CA SER A 56 10.30 -11.58 -1.50
C SER A 56 11.44 -10.61 -1.76
N TYR A 57 11.54 -9.53 -0.93
N TYR A 57 11.54 -9.55 -0.99
CA TYR A 57 12.61 -8.48 -0.98
CA TYR A 57 12.66 -8.71 -1.22
C TYR A 57 13.67 -8.65 0.08
C TYR A 57 13.43 -8.54 0.12
N LEU A 58 13.52 -9.66 0.88
CA LEU A 58 14.28 -9.74 2.14
C LEU A 58 15.06 -11.03 2.33
N TYR A 59 15.78 -11.44 1.29
CA TYR A 59 16.64 -12.61 1.40
C TYR A 59 17.85 -12.44 0.50
N ARG A 60 18.90 -13.15 0.83
CA ARG A 60 20.15 -12.97 0.12
C ARG A 60 20.02 -13.35 -1.35
N GLY A 61 20.46 -12.44 -2.20
CA GLY A 61 20.40 -12.66 -3.64
C GLY A 61 19.12 -12.14 -4.25
N CYS A 62 18.22 -11.61 -3.43
CA CYS A 62 16.97 -11.10 -3.96
C CYS A 62 17.17 -9.77 -4.67
N ILE A 63 16.11 -9.39 -5.38
CA ILE A 63 16.02 -8.09 -6.03
C ILE A 63 14.83 -7.31 -5.46
N MET A 64 14.78 -6.02 -5.77
CA MET A 64 13.60 -5.23 -5.49
C MET A 64 13.45 -4.13 -6.54
N TYR A 65 12.33 -4.12 -7.23
CA TYR A 65 12.07 -3.09 -8.22
C TYR A 65 11.57 -1.86 -7.51
N LEU A 66 12.02 -0.70 -7.97
CA LEU A 66 11.52 0.56 -7.47
C LEU A 66 10.24 0.91 -8.23
N PRO A 67 9.40 1.75 -7.63
CA PRO A 67 8.16 2.15 -8.32
C PRO A 67 8.46 2.74 -9.70
N SER A 68 7.72 2.31 -10.72
CA SER A 68 8.04 2.64 -12.10
C SER A 68 7.91 4.14 -12.40
N GLY A 69 6.92 4.79 -11.80
CA GLY A 69 6.70 6.21 -12.05
C GLY A 69 7.84 7.04 -11.48
N PHE A 70 8.24 6.71 -10.25
CA PHE A 70 9.34 7.40 -9.59
C PHE A 70 10.63 7.17 -10.36
N ALA A 71 10.87 5.93 -10.76
CA ALA A 71 12.07 5.61 -11.50
C ALA A 71 12.15 6.43 -12.81
N GLU A 72 11.05 6.51 -13.56
CA GLU A 72 11.07 7.23 -14.84
C GLU A 72 11.35 8.70 -14.64
N LYS A 73 10.76 9.26 -13.60
CA LYS A 73 10.83 10.70 -13.36
C LYS A 73 12.20 11.12 -12.83
N TYR A 74 12.84 10.29 -12.01
CA TYR A 74 14.04 10.72 -11.28
C TYR A 74 15.30 9.87 -11.49
N LEU A 75 15.15 8.63 -11.94
CA LEU A 75 16.28 7.70 -11.93
C LEU A 75 16.73 7.20 -13.31
N SER A 76 16.28 7.83 -14.39
CA SER A 76 16.81 7.41 -15.68
C SER A 76 18.34 7.62 -15.67
N GLY A 77 19.05 6.72 -16.32
CA GLY A 77 20.51 6.79 -16.29
C GLY A 77 21.14 6.47 -14.94
N ILE A 78 20.37 5.97 -13.98
CA ILE A 78 20.99 5.49 -12.72
C ILE A 78 21.62 4.15 -13.04
N SER A 79 22.80 3.94 -12.50
CA SER A 79 23.59 2.79 -12.82
C SER A 79 24.54 2.54 -11.67
N GLY A 80 24.86 1.29 -11.41
CA GLY A 80 25.99 1.01 -10.57
C GLY A 80 25.62 1.07 -9.11
N PHE A 81 26.65 1.18 -8.27
CA PHE A 81 26.42 1.21 -6.83
C PHE A 81 26.07 2.62 -6.37
N ILE A 82 24.86 2.80 -5.85
CA ILE A 82 24.44 4.07 -5.29
C ILE A 82 24.52 3.99 -3.76
N LYS A 83 24.33 5.15 -3.13
CA LYS A 83 24.35 5.24 -1.67
C LYS A 83 22.93 5.17 -1.13
N VAL A 84 22.68 4.20 -0.27
CA VAL A 84 21.43 4.13 0.49
C VAL A 84 21.79 4.43 1.94
N GLN A 85 21.19 5.49 2.47
CA GLN A 85 21.60 6.08 3.75
C GLN A 85 20.52 5.91 4.80
N LEU A 86 20.91 5.44 5.98
CA LEU A 86 19.99 5.35 7.11
C LEU A 86 20.76 5.77 8.34
N ALA A 87 20.20 6.74 9.05
CA ALA A 87 20.85 7.33 10.22
C ALA A 87 22.29 7.74 9.93
N GLU A 88 22.47 8.49 8.85
CA GLU A 88 23.78 9.03 8.48
C GLU A 88 24.91 8.00 8.27
N LYS A 89 24.56 6.72 8.10
CA LYS A 89 25.49 5.72 7.56
C LYS A 89 25.00 5.31 6.18
N GLN A 90 25.94 4.97 5.31
CA GLN A 90 25.61 4.63 3.92
C GLN A 90 26.06 3.22 3.54
N TRP A 91 25.23 2.58 2.72
CA TRP A 91 25.47 1.24 2.19
C TRP A 91 25.48 1.33 0.69
N PRO A 92 26.36 0.58 0.03
CA PRO A 92 26.31 0.48 -1.43
C PRO A 92 25.22 -0.50 -1.89
N VAL A 93 24.37 -0.06 -2.81
CA VAL A 93 23.32 -0.92 -3.37
C VAL A 93 23.35 -0.74 -4.86
N ARG A 94 23.49 -1.84 -5.60
CA ARG A 94 23.46 -1.75 -7.04
C ARG A 94 22.04 -1.43 -7.50
N CYS A 95 21.90 -0.39 -8.30
CA CYS A 95 20.59 0.02 -8.82
C CYS A 95 20.77 0.25 -10.28
N LEU A 96 20.10 -0.55 -11.08
CA LEU A 96 20.21 -0.44 -12.52
C LEU A 96 18.87 -0.13 -13.13
N TYR A 97 18.83 0.93 -13.92
CA TYR A 97 17.66 1.25 -14.68
C TYR A 97 17.89 0.70 -16.09
N LYS A 98 17.07 -0.26 -16.49
CA LYS A 98 17.24 -0.92 -17.79
C LYS A 98 15.90 -1.43 -18.25
N ALA A 99 15.68 -1.40 -19.56
CA ALA A 99 14.42 -1.88 -20.14
C ALA A 99 13.25 -1.30 -19.37
N GLY A 100 13.36 -0.04 -18.96
CA GLY A 100 12.23 0.68 -18.40
C GLY A 100 11.95 0.47 -16.92
N ARG A 101 12.78 -0.30 -16.23
CA ARG A 101 12.58 -0.50 -14.79
C ARG A 101 13.88 -0.28 -14.02
N ALA A 102 13.76 0.23 -12.81
CA ALA A 102 14.89 0.34 -11.90
C ALA A 102 14.84 -0.76 -10.84
N LYS A 103 15.95 -1.46 -10.69
CA LYS A 103 16.05 -2.66 -9.88
C LYS A 103 17.22 -2.55 -8.94
N PHE A 104 16.97 -2.69 -7.64
CA PHE A 104 18.04 -2.95 -6.66
C PHE A 104 18.42 -4.42 -6.68
N SER A 105 19.70 -4.70 -6.54
CA SER A 105 20.14 -6.10 -6.42
C SER A 105 21.23 -6.24 -5.39
N GLN A 106 22.48 -6.29 -5.86
CA GLN A 106 23.62 -6.47 -4.99
C GLN A 106 23.67 -5.44 -3.90
N GLY A 107 23.77 -5.89 -2.66
CA GLY A 107 23.88 -5.00 -1.52
C GLY A 107 22.57 -4.64 -0.83
N TRP A 108 21.45 -4.84 -1.51
CA TRP A 108 20.16 -4.49 -0.92
C TRP A 108 19.84 -5.35 0.31
N TYR A 109 19.88 -6.68 0.16
CA TYR A 109 19.61 -7.50 1.33
C TYR A 109 20.53 -7.13 2.50
N GLU A 110 21.82 -6.94 2.22
CA GLU A 110 22.77 -6.65 3.29
C GLU A 110 22.44 -5.33 4.02
N PHE A 111 21.98 -4.34 3.29
CA PHE A 111 21.50 -3.09 3.88
C PHE A 111 20.37 -3.40 4.87
N THR A 112 19.44 -4.26 4.48
CA THR A 112 18.30 -4.51 5.37
C THR A 112 18.76 -5.28 6.60
N LEU A 113 19.68 -6.23 6.40
CA LEU A 113 20.11 -7.07 7.51
C LEU A 113 20.89 -6.25 8.54
N GLU A 114 21.80 -5.40 8.05
CA GLU A 114 22.67 -4.64 8.93
C GLU A 114 21.93 -3.52 9.65
N ASN A 115 20.74 -3.17 9.14
CA ASN A 115 19.84 -2.24 9.83
C ASN A 115 18.67 -2.88 10.56
N ASN A 116 18.74 -4.21 10.68
CA ASN A 116 17.73 -4.98 11.39
C ASN A 116 16.31 -4.70 10.92
N LEU A 117 16.16 -4.52 9.61
CA LEU A 117 14.87 -4.27 9.00
C LEU A 117 14.24 -5.61 8.65
N GLY A 118 12.95 -5.72 8.88
CA GLY A 118 12.23 -6.94 8.64
C GLY A 118 10.90 -6.70 7.96
N GLU A 119 10.22 -7.79 7.62
CA GLU A 119 8.94 -7.70 6.94
C GLU A 119 7.93 -6.93 7.80
N GLY A 120 7.22 -6.00 7.17
CA GLY A 120 6.24 -5.15 7.85
C GLY A 120 6.78 -3.76 8.14
N ASP A 121 8.10 -3.64 8.27
CA ASP A 121 8.68 -2.32 8.44
C ASP A 121 8.40 -1.53 7.18
N VAL A 122 8.20 -0.23 7.31
CA VAL A 122 7.87 0.61 6.15
C VAL A 122 8.98 1.61 5.95
N CYS A 123 9.59 1.60 4.77
CA CYS A 123 10.69 2.49 4.46
C CYS A 123 10.24 3.61 3.52
N VAL A 124 10.55 4.84 3.91
CA VAL A 124 10.37 5.98 3.04
C VAL A 124 11.74 6.37 2.49
N PHE A 125 11.88 6.29 1.17
CA PHE A 125 13.11 6.62 0.46
C PHE A 125 12.98 8.00 -0.14
N GLU A 126 13.91 8.90 0.13
CA GLU A 126 13.89 10.25 -0.46
C GLU A 126 15.20 10.51 -1.17
N LEU A 127 15.08 11.17 -2.32
CA LEU A 127 16.23 11.47 -3.13
C LEU A 127 16.84 12.77 -2.67
N LEU A 128 18.04 12.68 -2.08
CA LEU A 128 18.70 13.87 -1.57
C LEU A 128 19.26 14.76 -2.69
N ARG A 129 19.50 16.02 -2.35
CA ARG A 129 19.97 17.04 -3.30
C ARG A 129 21.50 17.05 -3.34
N THR A 130 22.06 15.90 -3.67
CA THR A 130 23.50 15.67 -3.73
C THR A 130 23.93 15.50 -5.19
N ARG A 131 25.23 15.63 -5.46
CA ARG A 131 25.79 15.50 -6.83
C ARG A 131 25.51 14.14 -7.45
N ASP A 132 25.68 13.11 -6.64
CA ASP A 132 25.46 11.73 -7.06
C ASP A 132 24.17 11.24 -6.43
N PHE A 133 23.78 10.00 -6.73
CA PHE A 133 22.50 9.48 -6.27
C PHE A 133 22.62 9.00 -4.83
N VAL A 134 21.85 9.63 -3.93
CA VAL A 134 21.71 9.19 -2.55
C VAL A 134 20.22 9.09 -2.21
N LEU A 135 19.80 7.90 -1.78
CA LEU A 135 18.46 7.68 -1.27
C LEU A 135 18.54 7.53 0.24
N LYS A 136 17.89 8.46 0.94
CA LYS A 136 17.87 8.47 2.40
C LYS A 136 16.62 7.77 2.86
N VAL A 137 16.79 6.74 3.70
CA VAL A 137 15.69 5.98 4.24
C VAL A 137 15.32 6.44 5.66
N THR A 138 14.02 6.62 5.86
CA THR A 138 13.45 6.74 7.20
C THR A 138 12.57 5.53 7.35
N ALA A 139 12.84 4.72 8.38
CA ALA A 139 12.14 3.47 8.62
C ALA A 139 11.13 3.62 9.73
N PHE A 140 9.92 3.14 9.45
CA PHE A 140 8.84 3.09 10.42
C PHE A 140 8.66 1.63 10.75
N ARG A 141 9.17 1.25 11.91
CA ARG A 141 9.34 -0.16 12.22
C ARG A 141 8.14 -0.69 12.96
N VAL A 142 7.77 -1.93 12.67
CA VAL A 142 6.57 -2.50 13.30
C VAL A 142 6.71 -2.76 14.77
N ASN A 143 7.80 -3.41 15.18
CA ASN A 143 7.99 -3.67 16.60
C ASN A 143 8.91 -2.62 17.24
N THR B 26 -4.49 -16.49 11.70
CA THR B 26 -3.08 -16.81 11.51
C THR B 26 -2.62 -16.58 10.07
N VAL B 27 -2.23 -15.35 9.75
CA VAL B 27 -1.84 -15.01 8.38
C VAL B 27 -0.33 -14.82 8.29
N THR B 28 0.33 -15.45 7.33
CA THR B 28 1.77 -15.26 7.19
C THR B 28 2.10 -14.08 6.29
N ALA B 29 3.33 -13.60 6.43
CA ALA B 29 3.80 -12.47 5.65
C ALA B 29 3.79 -12.79 4.16
N GLU B 30 4.13 -14.02 3.83
CA GLU B 30 4.14 -14.46 2.45
C GLU B 30 2.73 -14.47 1.88
N GLU B 31 1.75 -14.89 2.66
CA GLU B 31 0.38 -14.88 2.20
C GLU B 31 -0.11 -13.46 1.98
N ARG B 32 0.31 -12.54 2.83
CA ARG B 32 -0.08 -11.15 2.66
C ARG B 32 0.47 -10.62 1.36
N GLU B 33 1.73 -10.89 1.10
CA GLU B 33 2.35 -10.44 -0.16
C GLU B 33 1.69 -11.05 -1.40
N ARG B 34 1.36 -12.32 -1.34
CA ARG B 34 0.70 -12.97 -2.47
C ARG B 34 -0.67 -12.36 -2.78
N ALA B 35 -1.44 -12.03 -1.76
CA ALA B 35 -2.77 -11.45 -1.99
C ALA B 35 -2.63 -10.07 -2.62
N ILE B 36 -1.70 -9.28 -2.12
CA ILE B 36 -1.46 -7.94 -2.67
C ILE B 36 -1.01 -8.01 -4.14
N ASN B 37 -0.10 -8.92 -4.43
CA ASN B 37 0.33 -9.07 -5.81
C ASN B 37 -0.77 -9.59 -6.71
N ALA B 38 -1.61 -10.50 -6.20
CA ALA B 38 -2.75 -10.96 -6.96
C ALA B 38 -3.68 -9.78 -7.29
N ALA B 39 -3.95 -8.93 -6.31
CA ALA B 39 -4.84 -7.80 -6.51
C ALA B 39 -4.32 -6.83 -7.58
N LYS B 40 -3.00 -6.73 -7.70
CA LYS B 40 -2.38 -5.84 -8.67
C LYS B 40 -2.53 -6.35 -10.10
N THR B 41 -2.91 -7.62 -10.27
CA THR B 41 -3.16 -8.16 -11.60
C THR B 41 -4.53 -7.73 -12.16
N PHE B 42 -5.33 -7.08 -11.34
CA PHE B 42 -6.70 -6.69 -11.70
C PHE B 42 -6.76 -5.20 -11.92
N GLU B 43 -7.06 -4.81 -13.16
CA GLU B 43 -7.26 -3.39 -13.50
C GLU B 43 -8.49 -3.27 -14.38
N PRO B 44 -9.67 -3.20 -13.77
CA PRO B 44 -10.89 -3.08 -14.59
C PRO B 44 -10.95 -1.75 -15.30
N THR B 45 -11.77 -1.71 -16.36
CA THR B 45 -11.94 -0.51 -17.15
C THR B 45 -12.78 0.56 -16.45
N ASN B 46 -13.64 0.15 -15.53
CA ASN B 46 -14.34 1.10 -14.67
C ASN B 46 -13.38 1.68 -13.66
N PRO B 47 -13.65 2.88 -13.16
CA PRO B 47 -12.82 3.44 -12.09
C PRO B 47 -12.72 2.50 -10.92
N PHE B 48 -11.55 2.41 -10.32
CA PHE B 48 -11.37 1.51 -9.18
C PHE B 48 -10.30 2.01 -8.21
N PHE B 49 -10.35 1.47 -7.00
CA PHE B 49 -9.29 1.63 -6.01
C PHE B 49 -9.14 0.33 -5.23
N ARG B 50 -7.96 0.17 -4.63
CA ARG B 50 -7.65 -1.03 -3.85
C ARG B 50 -7.42 -0.67 -2.39
N VAL B 51 -7.87 -1.55 -1.50
CA VAL B 51 -7.70 -1.37 -0.07
C VAL B 51 -7.28 -2.71 0.55
N VAL B 52 -6.17 -2.72 1.28
CA VAL B 52 -5.85 -3.86 2.15
C VAL B 52 -6.68 -3.66 3.43
N LEU B 53 -7.48 -4.65 3.80
CA LEU B 53 -8.28 -4.52 5.01
C LEU B 53 -7.39 -4.59 6.26
N ARG B 54 -7.67 -3.71 7.21
CA ARG B 54 -6.89 -3.57 8.43
C ARG B 54 -7.80 -3.53 9.62
N PRO B 55 -7.27 -3.74 10.82
CA PRO B 55 -8.19 -3.95 11.95
C PRO B 55 -9.14 -2.80 12.28
N SER B 56 -8.76 -1.56 11.99
CA SER B 56 -9.64 -0.44 12.31
C SER B 56 -10.84 -0.38 11.38
N TYR B 57 -10.86 -1.23 10.36
CA TYR B 57 -11.97 -1.30 9.42
C TYR B 57 -12.88 -2.49 9.71
N LEU B 58 -12.62 -3.20 10.82
CA LEU B 58 -13.21 -4.52 11.01
C LEU B 58 -13.78 -4.78 12.40
N TYR B 59 -14.49 -3.81 12.93
CA TYR B 59 -15.23 -4.02 14.17
C TYR B 59 -16.56 -3.24 14.08
N ARG B 60 -17.55 -3.69 14.85
CA ARG B 60 -18.84 -3.04 14.83
C ARG B 60 -18.72 -1.60 15.32
N GLY B 61 -19.21 -0.67 14.51
CA GLY B 61 -19.15 0.74 14.83
C GLY B 61 -17.92 1.44 14.26
N CYS B 62 -17.14 0.69 13.48
CA CYS B 62 -15.92 1.22 12.90
C CYS B 62 -16.23 2.10 11.68
N ILE B 63 -15.22 2.85 11.26
CA ILE B 63 -15.27 3.60 10.03
C ILE B 63 -14.08 3.23 9.15
N MET B 64 -14.20 3.52 7.86
CA MET B 64 -13.10 3.35 6.94
C MET B 64 -13.10 4.48 5.93
N TYR B 65 -12.04 5.28 5.97
CA TYR B 65 -11.86 6.31 4.94
C TYR B 65 -11.37 5.69 3.64
N LEU B 66 -11.90 6.21 2.54
CA LEU B 66 -11.54 5.79 1.19
C LEU B 66 -10.36 6.62 0.72
N PRO B 67 -9.64 6.14 -0.31
CA PRO B 67 -8.58 7.01 -0.87
C PRO B 67 -9.12 8.36 -1.29
N SER B 68 -8.46 9.44 -0.86
CA SER B 68 -9.03 10.76 -1.00
C SER B 68 -9.04 11.27 -2.44
N GLY B 69 -8.06 10.88 -3.25
CA GLY B 69 -8.07 11.25 -4.66
C GLY B 69 -9.31 10.71 -5.37
N PHE B 70 -9.59 9.43 -5.17
CA PHE B 70 -10.75 8.78 -5.75
C PHE B 70 -12.00 9.44 -5.20
N ALA B 71 -12.01 9.71 -3.92
CA ALA B 71 -13.18 10.31 -3.29
C ALA B 71 -13.52 11.66 -3.90
N GLU B 72 -12.52 12.52 -4.04
CA GLU B 72 -12.72 13.84 -4.59
C GLU B 72 -13.19 13.74 -6.05
N LYS B 73 -12.68 12.76 -6.78
CA LYS B 73 -12.98 12.66 -8.21
C LYS B 73 -14.39 12.10 -8.48
N TYR B 74 -14.82 11.12 -7.68
CA TYR B 74 -16.06 10.36 -7.95
C TYR B 74 -17.18 10.45 -6.89
N LEU B 75 -16.83 10.75 -5.66
CA LEU B 75 -17.78 10.60 -4.57
C LEU B 75 -18.20 11.91 -3.94
N SER B 76 -17.84 13.05 -4.55
CA SER B 76 -18.21 14.30 -3.91
C SER B 76 -19.75 14.44 -3.82
N GLY B 77 -20.22 15.11 -2.77
CA GLY B 77 -21.65 15.20 -2.48
C GLY B 77 -22.42 13.97 -1.98
N ILE B 78 -21.77 12.81 -1.85
CA ILE B 78 -22.49 11.67 -1.30
C ILE B 78 -22.69 11.80 0.21
N SER B 79 -23.87 11.38 0.67
CA SER B 79 -24.18 11.48 2.09
C SER B 79 -25.42 10.64 2.35
N GLY B 80 -25.25 9.35 2.22
CA GLY B 80 -26.36 8.42 2.40
C GLY B 80 -25.86 7.00 2.17
N PHE B 81 -26.80 6.08 2.04
CA PHE B 81 -26.46 4.67 1.82
C PHE B 81 -26.20 4.43 0.34
N ILE B 82 -25.03 3.89 0.07
CA ILE B 82 -24.71 3.43 -1.27
C ILE B 82 -24.73 1.91 -1.28
N LYS B 83 -24.54 1.35 -2.48
CA LYS B 83 -24.54 -0.08 -2.67
C LYS B 83 -23.12 -0.59 -2.81
N VAL B 84 -22.74 -1.52 -1.94
CA VAL B 84 -21.47 -2.23 -2.05
C VAL B 84 -21.81 -3.68 -2.46
N GLN B 85 -21.33 -4.07 -3.64
CA GLN B 85 -21.76 -5.30 -4.29
C GLN B 85 -20.67 -6.36 -4.29
N LEU B 86 -21.02 -7.59 -3.94
CA LEU B 86 -20.03 -8.68 -4.01
C LEU B 86 -20.81 -9.90 -4.43
N ALA B 87 -20.43 -10.44 -5.58
CA ALA B 87 -21.14 -11.56 -6.18
C ALA B 87 -22.64 -11.29 -6.27
N GLU B 88 -22.94 -10.17 -6.94
CA GLU B 88 -24.30 -9.76 -7.29
C GLU B 88 -25.13 -9.19 -6.15
N LYS B 89 -24.95 -9.69 -4.94
CA LYS B 89 -25.66 -9.20 -3.79
CA LYS B 89 -25.71 -9.17 -3.81
C LYS B 89 -25.09 -7.84 -3.35
N GLN B 90 -25.96 -6.97 -2.89
CA GLN B 90 -25.54 -5.65 -2.44
C GLN B 90 -25.85 -5.44 -0.97
N TRP B 91 -24.95 -4.70 -0.32
CA TRP B 91 -25.11 -4.30 1.06
C TRP B 91 -25.19 -2.80 1.12
N PRO B 92 -26.05 -2.28 2.00
CA PRO B 92 -26.13 -0.82 2.17
C PRO B 92 -25.00 -0.35 3.05
N VAL B 93 -24.27 0.65 2.60
CA VAL B 93 -23.17 1.19 3.38
C VAL B 93 -23.28 2.70 3.38
N ARG B 94 -23.37 3.29 4.56
CA ARG B 94 -23.43 4.73 4.66
C ARG B 94 -22.08 5.35 4.28
N CYS B 95 -22.11 6.32 3.38
CA CYS B 95 -20.91 6.98 2.89
C CYS B 95 -21.12 8.48 2.99
N LEU B 96 -20.18 9.15 3.65
CA LEU B 96 -20.24 10.60 3.82
C LEU B 96 -19.00 11.24 3.22
N TYR B 97 -19.22 12.16 2.29
CA TYR B 97 -18.16 12.97 1.73
C TYR B 97 -18.17 14.31 2.46
N LYS B 98 -17.02 14.71 2.99
CA LYS B 98 -16.88 15.95 3.73
C LYS B 98 -15.43 16.39 3.71
N ALA B 99 -15.19 17.67 3.44
CA ALA B 99 -13.84 18.23 3.48
C ALA B 99 -12.84 17.41 2.69
N GLY B 100 -13.23 17.04 1.47
CA GLY B 100 -12.32 16.38 0.54
C GLY B 100 -12.02 14.91 0.83
N ARG B 101 -12.80 14.32 1.72
CA ARG B 101 -12.58 12.94 2.14
C ARG B 101 -13.92 12.20 2.17
N ALA B 102 -13.89 10.89 1.95
CA ALA B 102 -15.10 10.10 2.09
C ALA B 102 -14.86 8.94 3.03
N LYS B 103 -15.85 8.64 3.87
CA LYS B 103 -15.74 7.47 4.73
C LYS B 103 -17.00 6.64 4.73
N PHE B 104 -16.80 5.36 4.92
CA PHE B 104 -17.88 4.43 5.16
C PHE B 104 -18.09 4.32 6.67
N SER B 105 -19.34 4.13 7.08
CA SER B 105 -19.64 3.92 8.47
C SER B 105 -20.71 2.81 8.62
N GLN B 106 -21.98 3.19 8.87
CA GLN B 106 -23.04 2.23 9.11
C GLN B 106 -23.14 1.24 7.97
N GLY B 107 -23.13 -0.04 8.29
CA GLY B 107 -23.28 -1.10 7.32
C GLY B 107 -21.99 -1.70 6.79
N TRP B 108 -20.90 -0.96 6.93
CA TRP B 108 -19.63 -1.45 6.38
C TRP B 108 -19.17 -2.73 7.12
N TYR B 109 -19.20 -2.69 8.45
CA TYR B 109 -18.77 -3.87 9.20
C TYR B 109 -19.62 -5.11 8.81
N GLU B 110 -20.94 -4.95 8.73
CA GLU B 110 -21.81 -6.06 8.38
C GLU B 110 -21.48 -6.60 7.02
N PHE B 111 -21.15 -5.73 6.06
CA PHE B 111 -20.71 -6.22 4.76
C PHE B 111 -19.50 -7.16 4.90
N THR B 112 -18.51 -6.75 5.70
CA THR B 112 -17.33 -7.59 5.87
C THR B 112 -17.66 -8.91 6.56
N LEU B 113 -18.51 -8.85 7.58
CA LEU B 113 -18.87 -10.03 8.36
C LEU B 113 -19.59 -11.05 7.48
N GLU B 114 -20.56 -10.57 6.72
CA GLU B 114 -21.40 -11.46 5.96
C GLU B 114 -20.69 -12.02 4.73
N ASN B 115 -19.57 -11.41 4.36
CA ASN B 115 -18.75 -11.93 3.29
C ASN B 115 -17.44 -12.56 3.79
N ASN B 116 -17.34 -12.77 5.09
CA ASN B 116 -16.17 -13.44 5.67
C ASN B 116 -14.86 -12.80 5.28
N LEU B 117 -14.85 -11.47 5.25
CA LEU B 117 -13.66 -10.73 4.90
C LEU B 117 -12.93 -10.37 6.19
N GLY B 118 -11.60 -10.41 6.15
CA GLY B 118 -10.80 -10.18 7.32
C GLY B 118 -9.51 -9.46 7.01
N GLU B 119 -8.75 -9.17 8.05
CA GLU B 119 -7.55 -8.36 7.88
C GLU B 119 -6.54 -9.07 6.96
N GLY B 120 -5.97 -8.28 6.06
CA GLY B 120 -5.04 -8.75 5.07
C GLY B 120 -5.69 -9.05 3.73
N ASP B 121 -7.00 -9.27 3.72
CA ASP B 121 -7.69 -9.46 2.46
C ASP B 121 -7.60 -8.13 1.69
N VAL B 122 -7.46 -8.20 0.38
CA VAL B 122 -7.36 -7.00 -0.45
C VAL B 122 -8.64 -6.89 -1.28
N CYS B 123 -9.35 -5.79 -1.10
CA CYS B 123 -10.59 -5.55 -1.81
C CYS B 123 -10.35 -4.48 -2.87
N VAL B 124 -10.72 -4.81 -4.10
CA VAL B 124 -10.70 -3.82 -5.17
C VAL B 124 -12.14 -3.37 -5.39
N PHE B 125 -12.37 -2.07 -5.26
CA PHE B 125 -13.68 -1.45 -5.38
C PHE B 125 -13.78 -0.79 -6.74
N GLU B 126 -14.81 -1.15 -7.50
CA GLU B 126 -14.97 -0.74 -8.88
C GLU B 126 -16.30 -0.01 -9.03
N LEU B 127 -16.28 1.20 -9.58
CA LEU B 127 -17.48 2.01 -9.70
C LEU B 127 -18.23 1.62 -11.00
N LEU B 128 -19.42 1.04 -10.85
CA LEU B 128 -20.15 0.52 -11.98
C LEU B 128 -20.89 1.66 -12.71
N ARG B 129 -21.24 1.39 -13.96
CA ARG B 129 -21.95 2.34 -14.80
C ARG B 129 -23.45 2.16 -14.64
N THR B 130 -23.93 2.46 -13.45
CA THR B 130 -25.33 2.24 -13.09
C THR B 130 -25.92 3.57 -12.69
N ARG B 131 -27.24 3.60 -12.50
CA ARG B 131 -27.91 4.84 -12.12
C ARG B 131 -27.49 5.22 -10.70
N ASP B 132 -27.57 4.27 -9.78
CA ASP B 132 -27.23 4.50 -8.39
C ASP B 132 -25.71 4.28 -8.22
N PHE B 133 -25.10 4.87 -7.19
CA PHE B 133 -23.69 4.56 -6.87
C PHE B 133 -23.56 3.12 -6.42
N VAL B 134 -22.80 2.34 -7.19
CA VAL B 134 -22.50 0.96 -6.84
C VAL B 134 -21.00 0.76 -6.92
N LEU B 135 -20.42 0.30 -5.83
CA LEU B 135 -19.03 -0.15 -5.85
C LEU B 135 -19.01 -1.68 -5.80
N LYS B 136 -18.54 -2.28 -6.87
CA LYS B 136 -18.40 -3.72 -6.97
C LYS B 136 -17.05 -4.14 -6.42
N VAL B 137 -17.06 -5.04 -5.45
CA VAL B 137 -15.85 -5.54 -4.82
C VAL B 137 -15.40 -6.87 -5.42
N THR B 138 -14.13 -6.91 -5.80
CA THR B 138 -13.45 -8.15 -6.14
C THR B 138 -12.41 -8.34 -5.06
N ALA B 139 -12.51 -9.45 -4.34
CA ALA B 139 -11.68 -9.70 -3.17
C ALA B 139 -10.57 -10.68 -3.49
N PHE B 140 -9.38 -10.35 -2.98
CA PHE B 140 -8.20 -11.19 -3.12
C PHE B 140 -7.82 -11.55 -1.71
N ARG B 141 -8.28 -12.72 -1.29
CA ARG B 141 -8.28 -13.09 0.12
C ARG B 141 -6.96 -13.74 0.51
N VAL B 142 -6.48 -13.46 1.72
CA VAL B 142 -5.21 -14.05 2.17
C VAL B 142 -5.37 -15.53 2.48
N ASN B 143 -6.57 -15.87 2.95
CA ASN B 143 -7.03 -17.25 3.17
C ASN B 143 -6.49 -18.27 2.21
#